data_4B60
#
_entry.id   4B60
#
_cell.length_a   37.510
_cell.length_b   59.050
_cell.length_c   73.490
_cell.angle_alpha   91.86
_cell.angle_beta   98.05
_cell.angle_gamma   97.87
#
_symmetry.space_group_name_H-M   'P 1'
#
loop_
_entity.id
_entity.type
_entity.pdbx_description
1 polymer 'FIBRONECTIN-BINDING PROTEIN A'
2 polymer 'FIBRINOGEN GAMMA CHAIN'
3 non-polymer 'CALCIUM ION'
4 water water
#
loop_
_entity_poly.entity_id
_entity_poly.type
_entity_poly.pdbx_seq_one_letter_code
_entity_poly.pdbx_strand_id
1 'polypeptide(L)'
;GPAMAKVETGTDVTSKVTVEIGSIEGHNNTNKVEPHAGQRAVLKYKLKFENGLHQGDYFDFTLSNNVNTHGVSTARKVPE
IKNGSVVMATGEVLEGGKIRYTFTNDIEDKVDVTAELEINLFIDPKTVQTNGNQTITSTLNEEQTSKELDVKYKDGIGNY
YANLNGSIETFNKANNRFSHVAFIKPNNGKTTSVTVTGTLMKGSNQNGNQPKVRIFEYLGNNEDIAKSVYANTTDTSKFK
EVTSNMSGNLNLQNNGSYSLNIENLDKTYVVHYDGEYLNGTDEVDFRTQMVGHPEQLYKYYYDRGYTLTWDNGLVLYSNK
A
;
A,B
2 'polypeptide(L)' GEGQQHHLGGAKQAGDV C,D
#
loop_
_chem_comp.id
_chem_comp.type
_chem_comp.name
_chem_comp.formula
CA non-polymer 'CALCIUM ION' 'Ca 2'
#
# COMPACT_ATOMS: atom_id res chain seq x y z
N THR A 11 22.27 -9.37 23.62
CA THR A 11 22.93 -10.58 23.05
C THR A 11 22.46 -10.86 21.64
N ASP A 12 23.38 -11.30 20.79
CA ASP A 12 23.02 -11.86 19.49
C ASP A 12 22.32 -13.22 19.72
N VAL A 13 21.04 -13.26 19.40
CA VAL A 13 20.22 -14.46 19.57
C VAL A 13 19.72 -15.01 18.24
N THR A 14 20.46 -14.73 17.18
CA THR A 14 20.18 -15.28 15.88
C THR A 14 20.02 -16.80 15.94
N SER A 15 20.87 -17.45 16.73
CA SER A 15 20.82 -18.90 16.90
C SER A 15 19.53 -19.37 17.53
N LYS A 16 18.77 -18.46 18.14
CA LYS A 16 17.47 -18.79 18.78
C LYS A 16 16.23 -18.63 17.89
N VAL A 17 16.44 -18.30 16.61
CA VAL A 17 15.38 -18.01 15.65
C VAL A 17 15.28 -19.14 14.63
N THR A 18 14.08 -19.70 14.46
CA THR A 18 13.86 -20.75 13.48
C THR A 18 13.01 -20.21 12.36
N VAL A 19 13.43 -20.49 11.14
CA VAL A 19 12.57 -20.16 10.01
C VAL A 19 11.61 -21.32 9.81
N GLU A 20 10.39 -21.16 10.34
CA GLU A 20 9.32 -22.13 10.12
C GLU A 20 8.91 -22.19 8.65
N ILE A 21 8.81 -21.03 8.00
CA ILE A 21 8.42 -20.94 6.63
C ILE A 21 9.11 -19.74 6.04
N GLY A 22 9.71 -19.90 4.87
CA GLY A 22 10.40 -18.80 4.24
C GLY A 22 10.21 -18.91 2.75
N SER A 23 9.80 -17.82 2.11
CA SER A 23 9.68 -17.78 0.69
C SER A 23 10.02 -16.41 0.11
N ILE A 24 10.54 -16.42 -1.11
CA ILE A 24 10.68 -15.20 -1.89
C ILE A 24 9.83 -15.39 -3.16
N GLU A 25 9.04 -14.39 -3.51
CA GLU A 25 8.14 -14.44 -4.69
C GLU A 25 8.46 -13.29 -5.62
N GLY A 26 8.27 -13.51 -6.92
CA GLY A 26 8.41 -12.47 -7.93
C GLY A 26 7.17 -11.61 -7.88
N HIS A 27 6.93 -10.84 -8.93
CA HIS A 27 5.86 -9.91 -8.90
C HIS A 27 4.58 -10.64 -9.21
N ASN A 28 3.54 -10.36 -8.44
CA ASN A 28 2.22 -10.95 -8.67
C ASN A 28 2.29 -12.47 -8.72
N ASN A 29 2.97 -12.97 -7.70
CA ASN A 29 3.38 -14.36 -7.53
C ASN A 29 3.83 -15.11 -8.79
N THR A 30 4.50 -14.38 -9.69
CA THR A 30 5.22 -14.98 -10.84
C THR A 30 6.73 -15.11 -10.52
N ASN A 31 7.49 -15.61 -11.47
CA ASN A 31 8.92 -15.78 -11.29
C ASN A 31 9.70 -14.69 -12.02
N LYS A 32 9.09 -13.51 -12.10
CA LYS A 32 9.63 -12.39 -12.87
C LYS A 32 9.40 -11.05 -12.15
N VAL A 33 10.36 -10.15 -12.33
CA VAL A 33 10.26 -8.76 -11.91
C VAL A 33 10.72 -7.82 -13.04
N GLU A 34 9.89 -6.82 -13.31
CA GLU A 34 10.12 -5.81 -14.31
C GLU A 34 10.25 -4.50 -13.56
N PRO A 35 11.49 -4.18 -13.14
CA PRO A 35 11.66 -3.01 -12.29
C PRO A 35 11.27 -1.69 -12.91
N HIS A 36 11.34 -1.57 -14.22
CA HIS A 36 10.94 -0.34 -14.95
C HIS A 36 9.42 -0.22 -15.18
N ALA A 37 8.70 -1.21 -14.70
CA ALA A 37 7.23 -1.18 -14.64
C ALA A 37 6.78 -1.06 -13.19
N GLY A 38 7.69 -0.67 -12.32
CA GLY A 38 7.48 -0.47 -10.90
C GLY A 38 7.20 -1.74 -10.10
N GLN A 39 7.67 -2.87 -10.58
CA GLN A 39 7.41 -4.13 -9.88
C GLN A 39 8.52 -4.43 -8.82
N ARG A 40 8.23 -5.36 -7.92
CA ARG A 40 9.18 -5.79 -6.88
C ARG A 40 8.97 -7.29 -6.55
N ALA A 41 9.87 -7.81 -5.71
CA ALA A 41 9.78 -9.15 -5.19
C ALA A 41 9.38 -9.02 -3.74
N VAL A 42 9.03 -10.13 -3.09
CA VAL A 42 8.59 -10.17 -1.69
C VAL A 42 9.20 -11.31 -0.89
N LEU A 43 9.77 -10.96 0.26
CA LEU A 43 10.28 -11.94 1.22
C LEU A 43 9.14 -12.15 2.23
N LYS A 44 8.80 -13.41 2.47
CA LYS A 44 7.83 -13.79 3.50
C LYS A 44 8.44 -14.75 4.48
N TYR A 45 8.43 -14.38 5.76
CA TYR A 45 8.89 -15.21 6.86
C TYR A 45 7.76 -15.53 7.90
N LYS A 46 7.70 -16.78 8.33
CA LYS A 46 7.14 -17.13 9.62
C LYS A 46 8.29 -17.63 10.47
N LEU A 47 8.50 -16.96 11.59
CA LEU A 47 9.63 -17.20 12.50
C LEU A 47 9.14 -17.73 13.84
N LYS A 48 9.91 -18.64 14.42
CA LYS A 48 9.76 -19.06 15.82
C LYS A 48 10.97 -18.57 16.62
N PHE A 49 10.73 -18.17 17.86
CA PHE A 49 11.79 -17.74 18.78
C PHE A 49 11.81 -18.64 20.01
N GLU A 50 12.99 -19.13 20.39
CA GLU A 50 13.15 -19.82 21.66
C GLU A 50 12.80 -18.86 22.80
N ASN A 51 12.30 -19.41 23.91
CA ASN A 51 11.93 -18.59 25.07
C ASN A 51 13.20 -18.01 25.74
N GLY A 52 13.01 -17.03 26.64
CA GLY A 52 14.06 -16.48 27.47
C GLY A 52 14.86 -15.32 26.87
N LEU A 53 14.26 -14.60 25.93
CA LEU A 53 14.93 -13.47 25.28
C LEU A 53 14.59 -12.17 26.02
N HIS A 54 15.38 -11.15 25.77
CA HIS A 54 15.27 -9.90 26.52
C HIS A 54 15.27 -8.66 25.64
N GLN A 55 14.71 -7.57 26.18
CA GLN A 55 14.84 -6.26 25.55
CA GLN A 55 14.83 -6.27 25.52
C GLN A 55 16.30 -6.05 25.13
N GLY A 56 16.53 -5.74 23.84
CA GLY A 56 17.87 -5.41 23.36
C GLY A 56 18.62 -6.55 22.76
N ASP A 57 18.19 -7.78 23.02
CA ASP A 57 18.70 -8.93 22.27
C ASP A 57 18.31 -8.72 20.82
N TYR A 58 19.10 -9.30 19.92
CA TYR A 58 18.86 -9.08 18.50
C TYR A 58 19.17 -10.29 17.64
N PHE A 59 18.59 -10.29 16.43
CA PHE A 59 18.88 -11.29 15.43
C PHE A 59 19.08 -10.63 14.08
N ASP A 60 19.92 -11.26 13.24
CA ASP A 60 20.20 -10.76 11.93
C ASP A 60 19.75 -11.71 10.86
N PHE A 61 19.41 -11.15 9.70
CA PHE A 61 19.46 -11.88 8.43
C PHE A 61 20.05 -11.01 7.33
N THR A 62 20.53 -11.65 6.28
CA THR A 62 21.27 -10.98 5.18
C THR A 62 20.64 -11.28 3.81
N LEU A 63 20.38 -10.22 3.07
CA LEU A 63 19.83 -10.28 1.71
C LEU A 63 20.94 -10.19 0.70
N SER A 64 20.78 -10.94 -0.39
CA SER A 64 21.70 -10.90 -1.51
C SER A 64 21.75 -9.50 -2.07
N ASN A 65 22.90 -9.15 -2.66
CA ASN A 65 23.19 -7.76 -3.00
C ASN A 65 22.46 -7.28 -4.29
N ASN A 66 21.80 -8.20 -4.97
CA ASN A 66 20.89 -7.88 -6.05
C ASN A 66 19.53 -7.25 -5.63
N VAL A 67 19.24 -7.18 -4.31
CA VAL A 67 18.03 -6.53 -3.85
C VAL A 67 18.36 -5.67 -2.65
N ASN A 68 17.51 -4.72 -2.38
CA ASN A 68 17.52 -3.97 -1.14
C ASN A 68 16.06 -3.78 -0.72
N THR A 69 15.83 -3.12 0.41
CA THR A 69 14.48 -2.95 0.93
C THR A 69 13.92 -1.54 0.71
N HIS A 70 14.59 -0.70 -0.08
CA HIS A 70 14.19 0.69 -0.29
C HIS A 70 13.87 1.07 -1.74
N GLY A 71 14.54 0.42 -2.71
CA GLY A 71 14.40 0.79 -4.11
C GLY A 71 14.72 2.28 -4.30
N VAL A 72 13.86 3.04 -4.96
CA VAL A 72 14.18 4.46 -5.14
C VAL A 72 14.10 5.35 -3.91
N SER A 73 13.49 4.85 -2.84
CA SER A 73 13.36 5.65 -1.63
C SER A 73 14.69 5.84 -0.93
N THR A 74 14.92 7.00 -0.32
CA THR A 74 16.14 7.23 0.45
C THR A 74 16.01 6.72 1.89
N ALA A 75 14.80 6.50 2.40
CA ALA A 75 14.64 6.01 3.78
C ALA A 75 14.97 4.53 3.80
N ARG A 76 15.64 4.08 4.85
CA ARG A 76 16.08 2.69 5.01
C ARG A 76 15.36 2.13 6.21
N LYS A 77 14.12 1.70 6.02
CA LYS A 77 13.29 1.18 7.10
C LYS A 77 12.85 -0.26 6.85
N VAL A 78 12.44 -0.95 7.90
CA VAL A 78 11.85 -2.25 7.77
C VAL A 78 10.72 -2.40 8.77
N PRO A 79 9.72 -3.21 8.42
CA PRO A 79 8.52 -3.24 9.24
C PRO A 79 8.78 -3.80 10.65
N GLU A 80 7.97 -3.35 11.62
CA GLU A 80 8.09 -3.84 12.98
C GLU A 80 7.58 -5.27 13.01
N ILE A 81 8.19 -6.08 13.87
CA ILE A 81 7.66 -7.39 14.20
C ILE A 81 6.64 -7.21 15.31
N LYS A 82 5.39 -7.61 15.02
CA LYS A 82 4.26 -7.39 15.92
C LYS A 82 3.54 -8.70 16.31
N ASN A 83 2.97 -8.71 17.51
CA ASN A 83 2.03 -9.73 17.94
C ASN A 83 0.76 -8.92 18.21
N GLY A 84 -0.20 -9.00 17.30
CA GLY A 84 -1.34 -8.07 17.34
C GLY A 84 -0.88 -6.66 17.08
N SER A 85 -1.27 -5.75 17.95
CA SER A 85 -0.74 -4.40 17.92
C SER A 85 0.53 -4.27 18.76
N VAL A 86 0.99 -5.34 19.41
CA VAL A 86 2.20 -5.22 20.27
C VAL A 86 3.51 -5.36 19.48
N VAL A 87 4.37 -4.35 19.58
CA VAL A 87 5.67 -4.35 18.91
C VAL A 87 6.60 -5.24 19.71
N MET A 88 6.95 -6.37 19.08
CA MET A 88 7.93 -7.30 19.67
C MET A 88 9.41 -6.99 19.37
N ALA A 89 9.69 -6.40 18.22
CA ALA A 89 11.05 -6.01 17.87
C ALA A 89 11.01 -4.94 16.80
N THR A 90 12.08 -4.16 16.75
CA THR A 90 12.22 -3.15 15.71
C THR A 90 13.47 -3.47 14.86
N GLY A 91 13.40 -3.08 13.58
CA GLY A 91 14.38 -3.43 12.60
C GLY A 91 15.18 -2.25 12.09
N GLU A 92 16.42 -2.55 11.68
CA GLU A 92 17.28 -1.57 11.06
C GLU A 92 18.00 -2.21 9.89
N VAL A 93 18.27 -1.39 8.88
CA VAL A 93 19.12 -1.76 7.78
C VAL A 93 20.57 -1.41 8.07
N LEU A 94 21.43 -2.43 8.12
CA LEU A 94 22.83 -2.19 8.40
C LEU A 94 23.57 -2.36 7.08
N GLU A 95 24.89 -2.42 7.17
CA GLU A 95 25.79 -2.45 6.03
C GLU A 95 25.83 -3.84 5.38
N GLY A 96 26.08 -3.90 4.07
CA GLY A 96 26.20 -5.19 3.34
C GLY A 96 25.00 -6.15 3.27
N GLY A 97 23.80 -5.64 3.12
CA GLY A 97 22.62 -6.53 3.03
C GLY A 97 22.03 -7.03 4.35
N LYS A 98 22.63 -6.61 5.45
CA LYS A 98 22.19 -7.05 6.74
C LYS A 98 21.00 -6.28 7.31
N ILE A 99 20.01 -7.04 7.78
CA ILE A 99 18.90 -6.51 8.52
C ILE A 99 18.98 -7.02 9.95
N ARG A 100 18.87 -6.13 10.91
CA ARG A 100 18.96 -6.51 12.32
C ARG A 100 17.71 -6.11 13.04
N TYR A 101 17.12 -7.08 13.72
CA TYR A 101 15.93 -6.86 14.57
C TYR A 101 16.32 -6.98 16.01
N THR A 102 15.91 -5.97 16.79
CA THR A 102 16.19 -5.86 18.18
C THR A 102 14.90 -5.91 18.99
N PHE A 103 14.85 -6.84 19.93
CA PHE A 103 13.63 -7.04 20.76
C PHE A 103 13.35 -5.88 21.73
N THR A 104 12.06 -5.64 21.92
CA THR A 104 11.52 -4.73 22.93
C THR A 104 11.26 -5.45 24.24
N ASN A 105 10.93 -4.66 25.27
CA ASN A 105 10.56 -5.23 26.58
C ASN A 105 9.42 -6.24 26.51
N ASP A 106 8.59 -6.15 25.50
CA ASP A 106 7.45 -7.06 25.34
C ASP A 106 7.81 -8.51 25.04
N ILE A 107 9.09 -8.82 24.75
CA ILE A 107 9.53 -10.20 24.55
C ILE A 107 9.76 -10.95 25.87
N GLU A 108 9.89 -10.20 26.96
CA GLU A 108 10.33 -10.72 28.23
C GLU A 108 9.32 -11.72 28.79
N ASP A 109 9.76 -12.95 29.07
CA ASP A 109 8.91 -13.97 29.72
C ASP A 109 7.80 -14.54 28.82
N LYS A 110 7.73 -14.14 27.55
CA LYS A 110 6.74 -14.69 26.62
C LYS A 110 7.08 -16.16 26.33
N VAL A 111 6.06 -16.92 25.92
CA VAL A 111 6.19 -18.39 25.68
C VAL A 111 5.84 -18.66 24.23
N ASP A 112 6.68 -19.45 23.53
CA ASP A 112 6.34 -19.98 22.19
C ASP A 112 5.98 -18.87 21.21
N VAL A 113 6.81 -17.83 21.18
CA VAL A 113 6.53 -16.66 20.40
C VAL A 113 6.79 -17.01 18.92
N THR A 114 5.87 -16.60 18.06
CA THR A 114 6.08 -16.62 16.64
C THR A 114 5.64 -15.31 16.02
N ALA A 115 6.11 -15.08 14.81
CA ALA A 115 5.85 -13.83 14.17
C ALA A 115 5.97 -14.00 12.67
N GLU A 116 5.18 -13.20 11.97
CA GLU A 116 5.17 -13.13 10.52
C GLU A 116 5.77 -11.82 10.08
N LEU A 117 6.66 -11.91 9.10
CA LEU A 117 7.34 -10.77 8.51
C LEU A 117 7.21 -10.86 6.97
N GLU A 118 6.83 -9.74 6.36
CA GLU A 118 6.77 -9.60 4.94
C GLU A 118 7.52 -8.32 4.56
N ILE A 119 8.53 -8.46 3.69
CA ILE A 119 9.35 -7.33 3.30
C ILE A 119 9.49 -7.25 1.79
N ASN A 120 9.15 -6.09 1.23
CA ASN A 120 9.32 -5.85 -0.22
C ASN A 120 10.80 -5.74 -0.57
N LEU A 121 11.18 -6.39 -1.67
CA LEU A 121 12.56 -6.45 -2.15
C LEU A 121 12.60 -5.85 -3.55
N PHE A 122 13.48 -4.87 -3.72
CA PHE A 122 13.57 -4.11 -4.94
C PHE A 122 14.87 -4.46 -5.58
N ILE A 123 14.81 -4.75 -6.87
CA ILE A 123 15.99 -5.14 -7.63
C ILE A 123 16.88 -3.91 -7.71
N ASP A 124 18.15 -4.07 -7.35
CA ASP A 124 19.07 -2.95 -7.29
C ASP A 124 19.70 -2.68 -8.68
N PRO A 125 19.46 -1.48 -9.25
CA PRO A 125 19.95 -1.22 -10.60
C PRO A 125 21.47 -1.09 -10.72
N LYS A 126 22.15 -0.92 -9.59
CA LYS A 126 23.59 -0.81 -9.56
C LYS A 126 24.23 -2.21 -9.67
N THR A 127 23.63 -3.17 -8.97
CA THR A 127 24.10 -4.53 -8.99
C THR A 127 23.47 -5.37 -10.08
N VAL A 128 22.24 -5.06 -10.51
CA VAL A 128 21.62 -5.86 -11.58
C VAL A 128 21.47 -4.94 -12.76
N GLN A 129 22.49 -4.85 -13.60
CA GLN A 129 22.56 -3.81 -14.61
C GLN A 129 21.95 -4.22 -15.94
N THR A 130 21.66 -5.51 -16.15
CA THR A 130 21.11 -6.02 -17.42
C THR A 130 20.02 -7.06 -17.18
N ASN A 131 19.25 -7.37 -18.22
CA ASN A 131 18.25 -8.43 -18.17
C ASN A 131 18.96 -9.75 -17.80
N GLY A 132 18.34 -10.58 -17.01
CA GLY A 132 18.95 -11.88 -16.68
C GLY A 132 18.20 -12.56 -15.58
N ASN A 133 18.61 -13.79 -15.28
CA ASN A 133 18.05 -14.55 -14.19
C ASN A 133 18.91 -14.20 -12.99
N GLN A 134 18.27 -13.89 -11.87
CA GLN A 134 18.91 -13.49 -10.61
C GLN A 134 18.41 -14.41 -9.50
N THR A 135 19.32 -14.99 -8.72
CA THR A 135 18.92 -15.74 -7.55
C THR A 135 18.85 -14.81 -6.38
N ILE A 136 17.65 -14.65 -5.82
CA ILE A 136 17.51 -13.82 -4.65
C ILE A 136 17.52 -14.69 -3.41
N THR A 137 18.31 -14.29 -2.41
CA THR A 137 18.45 -15.06 -1.18
C THR A 137 18.32 -14.24 0.08
N SER A 138 17.78 -14.89 1.11
CA SER A 138 17.76 -14.33 2.44
C SER A 138 18.26 -15.43 3.34
N THR A 139 19.30 -15.09 4.10
CA THR A 139 19.97 -16.02 4.96
C THR A 139 19.85 -15.58 6.42
N LEU A 140 19.25 -16.46 7.23
CA LEU A 140 19.02 -16.26 8.65
C LEU A 140 19.52 -17.55 9.38
N ASN A 141 20.54 -17.42 10.20
CA ASN A 141 20.97 -18.51 11.08
C ASN A 141 21.33 -19.74 10.29
N GLU A 142 22.07 -19.56 9.21
CA GLU A 142 22.42 -20.64 8.30
C GLU A 142 21.34 -21.18 7.39
N GLU A 143 20.10 -20.77 7.57
CA GLU A 143 19.04 -21.25 6.70
C GLU A 143 18.86 -20.27 5.53
N GLN A 144 18.98 -20.78 4.31
CA GLN A 144 18.96 -19.91 3.15
C GLN A 144 17.67 -20.03 2.39
N THR A 145 16.94 -18.93 2.29
CA THR A 145 15.71 -18.91 1.55
C THR A 145 16.04 -18.32 0.17
N SER A 146 15.60 -19.00 -0.88
CA SER A 146 16.16 -18.79 -2.22
C SER A 146 15.05 -18.73 -3.28
N LYS A 147 15.20 -17.84 -4.27
CA LYS A 147 14.30 -17.81 -5.42
C LYS A 147 15.02 -17.27 -6.67
N GLU A 148 14.99 -18.06 -7.74
CA GLU A 148 15.47 -17.60 -9.04
C GLU A 148 14.37 -16.78 -9.74
N LEU A 149 14.64 -15.52 -10.06
CA LEU A 149 13.69 -14.62 -10.74
C LEU A 149 14.25 -14.07 -12.04
N ASP A 150 13.40 -13.99 -13.08
CA ASP A 150 13.74 -13.27 -14.29
C ASP A 150 13.64 -11.78 -14.07
N VAL A 151 14.68 -11.03 -14.42
CA VAL A 151 14.62 -9.57 -14.32
C VAL A 151 14.64 -8.99 -15.73
N LYS A 152 13.63 -8.18 -16.07
CA LYS A 152 13.58 -7.55 -17.39
C LYS A 152 13.36 -6.04 -17.27
N TYR A 153 14.17 -5.30 -18.01
CA TYR A 153 14.13 -3.84 -18.03
C TYR A 153 13.49 -3.34 -19.33
N LYS A 154 13.14 -2.05 -19.33
CA LYS A 154 12.66 -1.38 -20.57
C LYS A 154 13.88 -0.85 -21.34
N ASP A 155 13.65 -0.18 -22.47
CA ASP A 155 14.69 0.14 -23.46
C ASP A 155 14.72 1.62 -23.80
N GLY A 156 13.91 2.41 -23.11
CA GLY A 156 13.77 3.79 -23.50
C GLY A 156 12.89 3.92 -24.74
N ILE A 157 12.97 5.07 -25.40
CA ILE A 157 12.16 5.38 -26.57
C ILE A 157 13.13 5.87 -27.66
N GLY A 158 13.07 5.27 -28.83
CA GLY A 158 14.02 5.63 -29.87
C GLY A 158 13.42 5.80 -31.25
N ASN A 159 14.19 6.45 -32.12
CA ASN A 159 13.94 6.53 -33.55
C ASN A 159 15.22 6.24 -34.34
N TYR A 160 15.25 6.67 -35.61
CA TYR A 160 16.43 6.45 -36.43
C TYR A 160 17.66 7.20 -35.89
N TYR A 161 17.43 8.37 -35.28
CA TYR A 161 18.49 9.32 -34.91
C TYR A 161 18.94 9.23 -33.44
N ALA A 162 18.04 8.81 -32.56
CA ALA A 162 18.36 8.83 -31.15
C ALA A 162 17.50 7.89 -30.34
N ASN A 163 18.00 7.64 -29.11
CA ASN A 163 17.30 6.96 -28.06
C ASN A 163 17.28 7.86 -26.84
N LEU A 164 16.13 7.99 -26.22
CA LEU A 164 16.03 8.72 -24.98
C LEU A 164 15.61 7.76 -23.88
N ASN A 165 16.31 7.81 -22.74
CA ASN A 165 15.96 6.95 -21.60
C ASN A 165 16.23 7.75 -20.31
N GLY A 166 15.76 7.23 -19.19
CA GLY A 166 15.92 7.89 -17.91
C GLY A 166 15.26 7.11 -16.80
N SER A 167 15.62 7.46 -15.59
CA SER A 167 15.19 6.78 -14.42
C SER A 167 15.26 7.76 -13.24
N ILE A 168 14.23 7.76 -12.39
CA ILE A 168 14.34 8.36 -11.07
C ILE A 168 15.42 7.63 -10.30
N GLU A 169 16.36 8.40 -9.77
CA GLU A 169 17.46 7.79 -9.07
C GLU A 169 17.13 7.67 -7.55
N THR A 170 16.64 8.76 -6.96
CA THR A 170 16.29 8.74 -5.53
C THR A 170 14.99 9.49 -5.34
N PHE A 171 14.22 9.09 -4.32
CA PHE A 171 13.01 9.79 -3.93
C PHE A 171 13.05 9.97 -2.43
N ASN A 172 13.15 11.22 -2.00
CA ASN A 172 13.30 11.53 -0.59
C ASN A 172 12.06 12.25 -0.06
N LYS A 173 11.19 11.47 0.52
CA LYS A 173 9.96 11.99 1.09
C LYS A 173 10.18 12.95 2.25
N ALA A 174 11.07 12.57 3.16
CA ALA A 174 11.34 13.38 4.37
C ALA A 174 11.70 14.81 4.00
N ASN A 175 12.56 15.00 3.01
CA ASN A 175 12.97 16.37 2.65
C ASN A 175 12.39 16.92 1.38
N ASN A 176 11.40 16.23 0.79
CA ASN A 176 10.72 16.66 -0.43
C ASN A 176 11.72 16.95 -1.58
N ARG A 177 12.58 15.99 -1.86
CA ARG A 177 13.59 16.10 -2.92
C ARG A 177 13.64 14.81 -3.75
N PHE A 178 14.00 14.89 -5.03
CA PHE A 178 14.28 13.67 -5.75
C PHE A 178 15.45 13.91 -6.69
N SER A 179 16.05 12.82 -7.19
CA SER A 179 16.98 12.92 -8.27
C SER A 179 16.62 11.98 -9.41
N HIS A 180 17.14 12.32 -10.59
CA HIS A 180 16.74 11.68 -11.86
C HIS A 180 17.93 11.74 -12.81
N VAL A 181 18.08 10.69 -13.64
CA VAL A 181 19.10 10.68 -14.67
C VAL A 181 18.44 10.39 -16.01
N ALA A 182 18.85 11.09 -17.05
CA ALA A 182 18.41 10.94 -18.47
C ALA A 182 19.64 10.72 -19.34
N PHE A 183 19.55 9.76 -20.28
CA PHE A 183 20.59 9.44 -21.19
C PHE A 183 20.05 9.87 -22.54
N ILE A 184 20.85 10.65 -23.25
CA ILE A 184 20.52 11.14 -24.60
C ILE A 184 21.54 10.58 -25.56
N LYS A 185 21.12 9.57 -26.33
CA LYS A 185 22.03 8.72 -27.09
C LYS A 185 21.79 8.80 -28.60
N PRO A 186 22.80 9.21 -29.38
CA PRO A 186 22.66 9.16 -30.86
C PRO A 186 22.69 7.74 -31.41
N ASN A 187 21.88 7.50 -32.45
CA ASN A 187 21.79 6.21 -33.15
C ASN A 187 22.45 6.19 -34.53
N ASN A 188 21.76 6.58 -35.60
CA ASN A 188 22.39 6.64 -36.94
C ASN A 188 22.29 8.09 -37.37
N GLY A 189 22.97 8.44 -38.47
CA GLY A 189 22.94 9.80 -39.04
C GLY A 189 23.37 10.89 -38.06
N LYS A 190 23.14 12.13 -38.47
CA LYS A 190 23.63 13.27 -37.71
C LYS A 190 22.52 14.19 -37.19
N THR A 191 22.51 14.35 -35.88
CA THR A 191 21.57 15.23 -35.20
C THR A 191 22.25 16.48 -34.65
N THR A 192 21.62 17.62 -34.93
CA THR A 192 22.13 18.90 -34.49
C THR A 192 21.04 19.58 -33.67
N SER A 193 21.28 20.82 -33.28
CA SER A 193 20.22 21.65 -32.74
C SER A 193 19.26 20.83 -31.86
N VAL A 194 19.81 19.96 -30.98
CA VAL A 194 18.99 19.25 -30.01
C VAL A 194 18.66 20.15 -28.82
N THR A 195 17.39 20.08 -28.38
CA THR A 195 16.93 20.73 -27.16
C THR A 195 16.37 19.61 -26.30
N VAL A 196 16.79 19.59 -25.04
CA VAL A 196 16.35 18.60 -24.08
C VAL A 196 15.68 19.36 -22.97
N THR A 197 14.46 18.97 -22.59
CA THR A 197 13.81 19.59 -21.45
C THR A 197 13.41 18.61 -20.39
N GLY A 198 13.37 19.09 -19.14
CA GLY A 198 12.88 18.29 -18.04
C GLY A 198 11.77 19.08 -17.39
N THR A 199 10.65 18.40 -17.09
CA THR A 199 9.47 19.03 -16.50
C THR A 199 8.80 18.17 -15.44
N LEU A 200 8.50 18.74 -14.27
CA LEU A 200 7.69 18.04 -13.27
C LEU A 200 6.25 18.10 -13.74
N MET A 201 5.70 16.95 -14.17
CA MET A 201 4.30 16.89 -14.59
C MET A 201 3.41 16.76 -13.39
N LYS A 202 3.94 16.25 -12.29
CA LYS A 202 3.22 16.30 -11.03
C LYS A 202 4.25 16.56 -9.93
N GLY A 203 4.03 17.58 -9.11
CA GLY A 203 5.03 17.88 -8.05
C GLY A 203 5.73 19.22 -8.19
N SER A 204 5.45 19.98 -9.26
CA SER A 204 6.13 21.26 -9.43
C SER A 204 5.80 22.20 -8.30
N ASN A 205 6.85 22.75 -7.71
CA ASN A 205 6.69 23.84 -6.74
C ASN A 205 6.93 25.22 -7.36
N GLN A 206 5.86 25.93 -7.72
CA GLN A 206 6.00 27.25 -8.34
C GLN A 206 6.79 28.25 -7.46
N ASN A 207 6.77 28.04 -6.14
CA ASN A 207 7.45 28.93 -5.19
C ASN A 207 8.82 28.43 -4.69
N GLY A 208 9.37 27.47 -5.41
CA GLY A 208 10.55 26.77 -4.94
C GLY A 208 11.84 27.30 -5.53
N ASN A 209 12.90 26.55 -5.27
CA ASN A 209 14.21 26.78 -5.83
C ASN A 209 14.42 26.03 -7.11
N GLN A 210 15.39 26.54 -7.85
CA GLN A 210 15.79 25.98 -9.11
C GLN A 210 16.49 24.64 -8.85
N PRO A 211 16.31 23.69 -9.77
CA PRO A 211 16.91 22.40 -9.53
C PRO A 211 18.40 22.51 -9.77
N LYS A 212 19.17 21.53 -9.33
CA LYS A 212 20.61 21.46 -9.67
C LYS A 212 20.72 20.49 -10.81
N VAL A 213 21.21 20.97 -11.95
CA VAL A 213 21.27 20.18 -13.13
C VAL A 213 22.75 20.15 -13.55
N ARG A 214 23.29 18.94 -13.62
CA ARG A 214 24.61 18.68 -14.13
C ARG A 214 24.56 17.89 -15.44
N ILE A 215 25.48 18.23 -16.34
CA ILE A 215 25.51 17.65 -17.67
C ILE A 215 26.86 16.94 -17.87
N PHE A 216 26.79 15.72 -18.42
CA PHE A 216 27.97 14.84 -18.54
C PHE A 216 28.07 14.26 -19.94
N GLU A 217 29.28 14.22 -20.47
CA GLU A 217 29.54 13.45 -21.68
C GLU A 217 29.79 12.05 -21.20
N TYR A 218 29.15 11.06 -21.82
CA TYR A 218 29.48 9.67 -21.57
C TYR A 218 30.65 9.31 -22.49
N LEU A 219 31.69 8.74 -21.88
CA LEU A 219 32.95 8.46 -22.53
C LEU A 219 33.18 6.96 -22.79
N GLY A 220 32.29 6.09 -22.31
CA GLY A 220 32.42 4.64 -22.51
C GLY A 220 31.83 4.18 -23.83
N ASN A 221 31.77 2.87 -24.04
CA ASN A 221 31.03 2.32 -25.20
C ASN A 221 29.54 2.24 -24.90
N ASN A 222 28.72 2.34 -25.92
CA ASN A 222 27.27 2.27 -25.75
C ASN A 222 26.80 0.91 -25.21
N GLU A 223 27.34 -0.20 -25.69
CA GLU A 223 27.04 -1.52 -25.11
C GLU A 223 27.19 -1.58 -23.57
N ASP A 224 28.08 -0.80 -22.99
CA ASP A 224 28.32 -0.86 -21.54
C ASP A 224 27.44 0.05 -20.69
N ILE A 225 26.58 0.83 -21.33
CA ILE A 225 25.55 1.60 -20.62
C ILE A 225 24.59 0.59 -19.96
N ALA A 226 24.35 0.72 -18.65
CA ALA A 226 23.53 -0.24 -17.91
C ALA A 226 22.09 -0.19 -18.46
N LYS A 227 21.58 -1.32 -18.88
CA LYS A 227 20.16 -1.41 -19.29
C LYS A 227 19.21 -1.05 -18.11
N SER A 228 19.71 -1.25 -16.91
CA SER A 228 18.99 -0.86 -15.70
C SER A 228 18.81 0.64 -15.56
N VAL A 229 19.61 1.41 -16.31
CA VAL A 229 19.65 2.86 -16.24
C VAL A 229 20.51 3.65 -15.24
N TYR A 230 21.34 2.91 -14.57
CA TYR A 230 22.22 3.40 -13.54
C TYR A 230 23.37 4.20 -14.07
N ALA A 231 23.70 5.31 -13.41
CA ALA A 231 24.81 6.16 -13.83
C ALA A 231 25.57 6.51 -12.58
N ASN A 232 26.76 5.96 -12.45
CA ASN A 232 27.72 6.44 -11.43
C ASN A 232 28.46 7.68 -11.95
N THR A 233 27.81 8.81 -11.80
CA THR A 233 28.29 10.11 -12.29
C THR A 233 29.54 10.59 -11.59
N THR A 234 29.90 9.99 -10.46
CA THR A 234 31.19 10.27 -9.77
C THR A 234 32.39 9.64 -10.46
N ASP A 235 32.13 8.67 -11.35
CA ASP A 235 33.21 8.05 -12.11
C ASP A 235 33.62 8.95 -13.28
N THR A 236 34.69 9.72 -13.08
CA THR A 236 35.10 10.71 -14.06
C THR A 236 35.74 10.07 -15.28
N SER A 237 36.02 8.77 -15.22
CA SER A 237 36.50 8.05 -16.39
C SER A 237 35.31 7.73 -17.31
N LYS A 238 34.13 7.56 -16.73
CA LYS A 238 32.94 7.25 -17.53
C LYS A 238 32.10 8.47 -17.87
N PHE A 239 32.09 9.45 -16.97
CA PHE A 239 31.24 10.61 -17.11
C PHE A 239 32.04 11.89 -16.98
N LYS A 240 32.21 12.61 -18.10
CA LYS A 240 32.92 13.87 -18.08
C LYS A 240 31.94 15.02 -17.89
N GLU A 241 31.98 15.66 -16.72
CA GLU A 241 31.09 16.80 -16.46
C GLU A 241 31.45 17.96 -17.34
N VAL A 242 30.44 18.52 -18.02
CA VAL A 242 30.62 19.68 -18.91
C VAL A 242 29.61 20.78 -18.59
N THR A 243 29.00 20.68 -17.41
CA THR A 243 27.99 21.64 -16.99
C THR A 243 28.43 23.05 -17.26
N SER A 244 29.67 23.38 -16.89
CA SER A 244 30.19 24.74 -17.07
C SER A 244 30.28 25.19 -18.53
N ASN A 245 30.71 24.30 -19.44
CA ASN A 245 30.75 24.57 -20.89
C ASN A 245 29.40 24.95 -21.42
N MET A 246 28.36 24.43 -20.75
CA MET A 246 27.00 24.56 -21.22
C MET A 246 26.14 25.57 -20.51
N SER A 247 26.74 26.34 -19.61
C SER A 247 25.16 28.23 -19.78
N GLY A 248 25.79 28.64 -20.86
CA GLY A 248 25.12 29.49 -21.79
C GLY A 248 23.88 28.84 -22.37
N ASN A 249 23.91 27.50 -22.48
CA ASN A 249 22.90 26.69 -23.15
C ASN A 249 21.87 26.04 -22.21
N LEU A 250 21.95 26.35 -20.92
CA LEU A 250 21.15 25.70 -19.88
C LEU A 250 20.31 26.74 -19.17
N ASN A 251 18.99 26.57 -19.19
CA ASN A 251 18.06 27.49 -18.50
C ASN A 251 17.33 26.73 -17.40
N LEU A 252 17.39 27.24 -16.16
CA LEU A 252 16.79 26.55 -15.02
C LEU A 252 15.64 27.41 -14.52
N GLN A 253 14.52 26.78 -14.15
CA GLN A 253 13.34 27.51 -13.70
C GLN A 253 12.96 27.13 -12.27
N ASN A 254 12.39 28.13 -11.56
CA ASN A 254 12.01 27.92 -10.16
C ASN A 254 10.86 26.92 -9.94
N ASN A 255 10.13 26.62 -11.01
CA ASN A 255 9.10 25.58 -10.99
C ASN A 255 9.63 24.16 -11.18
N GLY A 256 10.97 24.01 -11.26
CA GLY A 256 11.60 22.69 -11.40
C GLY A 256 11.98 22.29 -12.85
N SER A 257 11.64 23.13 -13.79
CA SER A 257 11.84 22.79 -15.22
C SER A 257 13.22 23.25 -15.62
N TYR A 258 13.78 22.61 -16.64
CA TYR A 258 15.00 23.07 -17.29
C TYR A 258 14.89 22.91 -18.82
N SER A 259 15.67 23.70 -19.54
CA SER A 259 15.85 23.43 -20.96
C SER A 259 17.37 23.51 -21.26
N LEU A 260 17.83 22.61 -22.13
CA LEU A 260 19.24 22.51 -22.44
C LEU A 260 19.42 22.36 -23.95
N ASN A 261 20.34 23.12 -24.55
CA ASN A 261 20.63 23.01 -25.97
C ASN A 261 21.96 22.27 -26.14
N ILE A 262 21.96 21.22 -26.95
CA ILE A 262 23.21 20.55 -27.32
C ILE A 262 23.39 20.76 -28.82
N GLU A 263 24.50 21.32 -29.17
CA GLU A 263 24.74 21.68 -30.51
C GLU A 263 25.03 20.50 -31.40
N ASN A 264 25.83 19.61 -30.91
CA ASN A 264 26.25 18.43 -31.65
C ASN A 264 26.01 17.21 -30.80
N LEU A 265 25.13 16.34 -31.25
CA LEU A 265 24.93 15.13 -30.52
C LEU A 265 25.83 14.10 -31.15
N ASP A 266 27.12 14.22 -30.86
CA ASP A 266 28.13 13.37 -31.47
C ASP A 266 28.46 12.24 -30.50
N LYS A 267 27.85 12.28 -29.31
CA LYS A 267 28.01 11.19 -28.37
C LYS A 267 26.86 11.23 -27.40
N THR A 268 26.84 10.26 -26.51
CA THR A 268 25.79 10.17 -25.46
C THR A 268 26.03 11.21 -24.37
N TYR A 269 24.97 12.00 -24.08
CA TYR A 269 24.93 12.96 -23.01
C TYR A 269 24.05 12.45 -21.90
N VAL A 270 24.46 12.83 -20.70
CA VAL A 270 23.74 12.47 -19.50
C VAL A 270 23.39 13.70 -18.70
N VAL A 271 22.13 13.81 -18.36
CA VAL A 271 21.65 14.89 -17.55
C VAL A 271 21.25 14.32 -16.19
N HIS A 272 21.94 14.80 -15.15
CA HIS A 272 21.60 14.50 -13.79
C HIS A 272 20.88 15.68 -13.14
N TYR A 273 19.69 15.41 -12.59
CA TYR A 273 18.81 16.39 -12.01
C TYR A 273 18.58 16.08 -10.51
N ASP A 274 18.65 17.13 -9.70
CA ASP A 274 18.43 17.08 -8.23
C ASP A 274 17.56 18.28 -7.91
N GLY A 275 16.30 18.03 -7.56
CA GLY A 275 15.42 19.14 -7.28
C GLY A 275 14.43 18.81 -6.18
N GLU A 276 13.65 19.82 -5.82
CA GLU A 276 12.61 19.66 -4.80
C GLU A 276 11.32 19.37 -5.52
N TYR A 277 10.33 18.92 -4.78
CA TYR A 277 8.94 18.87 -5.26
C TYR A 277 8.02 19.33 -4.13
N LEU A 278 6.78 19.69 -4.49
CA LEU A 278 5.81 20.31 -3.60
C LEU A 278 5.30 19.39 -2.48
N ASN A 279 5.37 19.91 -1.26
CA ASN A 279 4.82 19.26 -0.11
C ASN A 279 3.39 18.86 -0.39
N GLY A 280 3.07 17.63 -0.06
CA GLY A 280 1.69 17.15 -0.19
C GLY A 280 1.54 16.36 -1.47
N THR A 281 2.63 16.23 -2.24
CA THR A 281 2.63 15.41 -3.44
C THR A 281 3.04 14.01 -3.03
N ASP A 282 2.17 13.05 -3.28
CA ASP A 282 2.42 11.64 -2.96
C ASP A 282 3.58 11.08 -3.81
N GLU A 283 3.60 11.45 -5.08
CA GLU A 283 4.60 10.93 -5.96
C GLU A 283 4.84 11.87 -7.15
N VAL A 284 6.11 11.97 -7.52
CA VAL A 284 6.56 12.82 -8.61
C VAL A 284 6.33 12.13 -9.98
N ASP A 285 5.94 12.91 -10.97
CA ASP A 285 5.99 12.45 -12.39
C ASP A 285 6.84 13.40 -13.18
N PHE A 286 7.93 12.89 -13.76
CA PHE A 286 8.97 13.72 -14.37
C PHE A 286 9.06 13.36 -15.84
N ARG A 287 8.95 14.36 -16.73
CA ARG A 287 9.05 14.19 -18.17
C ARG A 287 10.31 14.81 -18.75
N THR A 288 11.05 14.00 -19.51
CA THR A 288 12.14 14.43 -20.33
C THR A 288 11.75 14.37 -21.81
N GLN A 289 11.97 15.46 -22.52
CA GLN A 289 11.60 15.53 -23.93
C GLN A 289 12.77 16.05 -24.70
N MET A 290 13.01 15.43 -25.83
CA MET A 290 14.12 15.79 -26.68
C MET A 290 13.57 16.17 -28.05
N VAL A 291 14.02 17.30 -28.59
CA VAL A 291 13.74 17.69 -29.97
C VAL A 291 15.08 17.70 -30.68
N GLY A 292 15.12 17.04 -31.84
CA GLY A 292 16.36 16.88 -32.57
C GLY A 292 16.17 17.24 -34.03
N HIS A 293 17.27 17.66 -34.69
CA HIS A 293 17.23 18.00 -36.10
C HIS A 293 18.27 17.25 -36.90
N PRO A 294 17.80 16.35 -37.81
CA PRO A 294 18.69 15.63 -38.72
C PRO A 294 19.40 16.60 -39.67
N GLU A 295 20.72 16.62 -39.62
CA GLU A 295 21.58 17.13 -40.67
C GLU A 295 21.00 18.19 -41.57
N GLY A 305 12.37 17.98 -38.13
CA GLY A 305 12.60 17.73 -36.71
C GLY A 305 11.85 16.53 -36.16
N TYR A 306 12.34 16.00 -35.04
CA TYR A 306 11.69 14.89 -34.35
C TYR A 306 11.61 15.15 -32.86
N THR A 307 10.63 14.55 -32.19
CA THR A 307 10.53 14.55 -30.73
C THR A 307 10.53 13.13 -30.14
N LEU A 308 11.26 12.97 -29.03
CA LEU A 308 11.20 11.79 -28.19
C LEU A 308 10.81 12.30 -26.82
N THR A 309 9.78 11.63 -26.26
CA THR A 309 9.29 11.93 -24.93
C THR A 309 9.36 10.72 -24.02
N TRP A 310 9.99 10.89 -22.86
CA TRP A 310 10.14 9.80 -21.89
C TRP A 310 9.66 10.22 -20.51
N ASP A 311 8.66 9.51 -20.00
CA ASP A 311 8.10 9.77 -18.66
C ASP A 311 8.64 8.78 -17.59
N ASN A 312 8.98 9.31 -16.40
CA ASN A 312 9.36 8.51 -15.24
C ASN A 312 8.44 8.81 -14.07
N GLY A 313 7.86 7.77 -13.52
CA GLY A 313 6.89 7.87 -12.45
C GLY A 313 7.34 6.88 -11.40
N LEU A 314 6.54 6.79 -10.36
CA LEU A 314 6.88 5.97 -9.21
C LEU A 314 5.75 5.01 -8.82
N VAL A 315 6.15 3.86 -8.26
CA VAL A 315 5.24 2.89 -7.61
C VAL A 315 5.77 2.59 -6.21
N LEU A 316 5.05 3.08 -5.20
CA LEU A 316 5.49 3.01 -3.81
C LEU A 316 4.69 2.03 -3.01
N TYR A 317 5.41 1.21 -2.22
CA TYR A 317 4.92 0.04 -1.58
C TYR A 317 5.12 0.13 -0.10
N SER A 318 4.16 -0.42 0.64
CA SER A 318 4.26 -0.46 2.07
C SER A 318 4.60 -1.86 2.59
N ASN A 319 5.35 -1.92 3.69
CA ASN A 319 5.56 -3.14 4.46
C ASN A 319 4.61 -3.24 5.67
N THR B 11 -26.19 23.47 -10.72
CA THR B 11 -26.71 22.45 -11.68
C THR B 11 -25.76 21.25 -11.84
N ASP B 12 -26.25 20.18 -12.45
CA ASP B 12 -25.49 18.94 -12.62
C ASP B 12 -24.53 19.09 -13.79
N VAL B 13 -23.24 19.21 -13.48
CA VAL B 13 -22.23 19.41 -14.52
C VAL B 13 -21.33 18.19 -14.69
N THR B 14 -21.87 17.02 -14.35
CA THR B 14 -21.18 15.73 -14.64
C THR B 14 -20.73 15.63 -16.11
N SER B 15 -21.59 16.10 -17.02
CA SER B 15 -21.23 16.16 -18.46
C SER B 15 -19.99 17.01 -18.80
N LYS B 16 -19.58 17.87 -17.89
CA LYS B 16 -18.40 18.74 -18.08
C LYS B 16 -17.13 18.21 -17.52
N VAL B 17 -17.15 17.02 -16.92
CA VAL B 17 -15.99 16.40 -16.29
C VAL B 17 -15.49 15.31 -17.18
N THR B 18 -14.18 15.34 -17.43
CA THR B 18 -13.50 14.41 -18.33
C THR B 18 -12.56 13.63 -17.43
N VAL B 19 -12.59 12.30 -17.54
CA VAL B 19 -11.60 11.48 -16.82
C VAL B 19 -10.34 11.43 -17.67
N GLU B 20 -9.30 12.16 -17.27
CA GLU B 20 -8.04 12.16 -18.01
C GLU B 20 -7.26 10.85 -17.74
N ILE B 21 -7.18 10.45 -16.47
CA ILE B 21 -6.52 9.20 -16.02
C ILE B 21 -7.34 8.65 -14.86
N GLY B 22 -7.66 7.37 -14.95
CA GLY B 22 -8.43 6.68 -13.92
C GLY B 22 -7.96 5.25 -13.77
N SER B 23 -7.73 4.83 -12.52
CA SER B 23 -7.42 3.45 -12.27
C SER B 23 -7.89 3.05 -10.90
N ILE B 24 -8.03 1.73 -10.73
CA ILE B 24 -8.28 1.17 -9.42
C ILE B 24 -7.22 0.12 -9.16
N GLU B 25 -6.61 0.18 -7.99
CA GLU B 25 -5.55 -0.72 -7.57
C GLU B 25 -5.97 -1.58 -6.41
N GLY B 26 -5.42 -2.79 -6.33
CA GLY B 26 -5.53 -3.62 -5.13
C GLY B 26 -4.53 -3.14 -4.08
N HIS B 27 -4.26 -3.93 -3.07
CA HIS B 27 -3.47 -3.47 -1.97
C HIS B 27 -2.05 -3.53 -2.44
N ASN B 28 -1.32 -2.49 -2.17
CA ASN B 28 0.13 -2.49 -2.51
C ASN B 28 0.46 -2.77 -3.95
N ASN B 29 -0.32 -2.12 -4.80
CA ASN B 29 -0.20 -2.20 -6.23
C ASN B 29 -0.34 -3.65 -6.76
N THR B 30 -0.96 -4.56 -5.99
CA THR B 30 -1.21 -5.94 -6.43
C THR B 30 -2.65 -6.02 -6.97
N ASN B 31 -3.02 -7.19 -7.48
CA ASN B 31 -4.39 -7.44 -7.92
C ASN B 31 -5.16 -8.24 -6.83
N LYS B 32 -4.85 -7.98 -5.56
CA LYS B 32 -5.43 -8.68 -4.42
C LYS B 32 -5.68 -7.73 -3.25
N VAL B 33 -6.77 -8.00 -2.56
CA VAL B 33 -7.12 -7.34 -1.33
C VAL B 33 -7.50 -8.36 -0.25
N GLU B 34 -6.80 -8.31 0.89
CA GLU B 34 -7.07 -9.19 2.02
C GLU B 34 -7.71 -8.39 3.13
N PRO B 35 -9.04 -8.33 3.15
CA PRO B 35 -9.69 -7.45 4.10
C PRO B 35 -9.50 -7.79 5.58
N HIS B 36 -9.26 -9.07 5.87
CA HIS B 36 -8.98 -9.51 7.22
C HIS B 36 -7.51 -9.38 7.68
N ALA B 37 -6.66 -8.89 6.77
CA ALA B 37 -5.31 -8.40 7.09
C ALA B 37 -5.20 -6.87 7.01
N GLY B 38 -6.32 -6.18 7.04
CA GLY B 38 -6.30 -4.72 7.12
C GLY B 38 -6.00 -4.01 5.82
N GLN B 39 -6.23 -4.69 4.71
CA GLN B 39 -5.89 -4.13 3.41
C GLN B 39 -7.09 -3.44 2.78
N ARG B 40 -6.79 -2.66 1.75
CA ARG B 40 -7.80 -1.94 0.99
C ARG B 40 -7.33 -1.79 -0.48
N ALA B 41 -8.24 -1.28 -1.32
CA ALA B 41 -8.00 -0.94 -2.72
C ALA B 41 -8.05 0.60 -2.81
N VAL B 42 -7.74 1.14 -3.95
CA VAL B 42 -7.58 2.59 -4.10
C VAL B 42 -8.06 3.05 -5.48
N LEU B 43 -8.93 4.07 -5.48
CA LEU B 43 -9.33 4.75 -6.68
C LEU B 43 -8.46 5.97 -6.88
N LYS B 44 -7.96 6.11 -8.10
CA LYS B 44 -7.18 7.27 -8.47
C LYS B 44 -7.76 7.93 -9.70
N TYR B 45 -8.08 9.22 -9.60
CA TYR B 45 -8.57 10.01 -10.74
C TYR B 45 -7.70 11.25 -11.00
N LYS B 46 -7.44 11.52 -12.28
CA LYS B 46 -7.10 12.88 -12.70
C LYS B 46 -8.26 13.37 -13.59
N LEU B 47 -8.88 14.46 -13.15
CA LEU B 47 -10.06 14.97 -13.80
C LEU B 47 -9.79 16.30 -14.49
N LYS B 48 -10.58 16.54 -15.54
CA LYS B 48 -10.58 17.80 -16.26
C LYS B 48 -11.96 18.36 -16.24
N PHE B 49 -12.06 19.65 -16.00
CA PHE B 49 -13.33 20.35 -15.93
C PHE B 49 -13.41 21.40 -17.05
N GLU B 50 -14.52 21.41 -17.79
CA GLU B 50 -14.81 22.49 -18.74
C GLU B 50 -14.93 23.81 -17.96
N ASN B 51 -14.58 24.90 -18.63
CA ASN B 51 -14.66 26.22 -18.00
C ASN B 51 -16.14 26.60 -17.80
N GLY B 52 -16.36 27.64 -17.01
CA GLY B 52 -17.66 28.27 -16.84
C GLY B 52 -18.53 27.67 -15.75
N LEU B 53 -17.91 27.00 -14.78
CA LEU B 53 -18.65 26.40 -13.64
C LEU B 53 -18.80 27.33 -12.45
N HIS B 54 -19.77 27.02 -11.57
CA HIS B 54 -20.16 27.90 -10.48
C HIS B 54 -20.28 27.18 -9.17
N GLN B 55 -20.04 27.93 -8.10
CA GLN B 55 -20.34 27.48 -6.73
C GLN B 55 -21.70 26.80 -6.70
N GLY B 56 -21.74 25.59 -6.13
CA GLY B 56 -22.96 24.81 -6.05
C GLY B 56 -23.27 23.92 -7.23
N ASP B 57 -22.59 24.08 -8.38
CA ASP B 57 -22.70 23.06 -9.44
C ASP B 57 -22.05 21.79 -8.88
N TYR B 58 -22.37 20.65 -9.45
CA TYR B 58 -21.89 19.40 -8.92
C TYR B 58 -21.68 18.32 -9.97
N PHE B 59 -20.91 17.31 -9.58
CA PHE B 59 -20.75 16.16 -10.43
C PHE B 59 -20.77 14.90 -9.57
N ASP B 60 -21.21 13.81 -10.19
CA ASP B 60 -21.32 12.51 -9.57
C ASP B 60 -20.46 11.47 -10.25
N PHE B 61 -20.02 10.53 -9.43
CA PHE B 61 -19.58 9.21 -9.89
C PHE B 61 -20.05 8.10 -8.99
N THR B 62 -20.11 6.89 -9.54
CA THR B 62 -20.71 5.79 -8.84
C THR B 62 -19.74 4.62 -8.74
N LEU B 63 -19.57 4.16 -7.51
CA LEU B 63 -18.80 2.96 -7.20
C LEU B 63 -19.63 1.69 -7.17
N SER B 64 -19.06 0.58 -7.62
CA SER B 64 -19.71 -0.72 -7.52
C SER B 64 -19.97 -1.06 -6.05
N ASN B 65 -21.08 -1.75 -5.76
CA ASN B 65 -21.53 -1.99 -4.40
C ASN B 65 -20.67 -3.05 -3.63
N ASN B 66 -19.74 -3.67 -4.32
CA ASN B 66 -18.70 -4.47 -3.61
C ASN B 66 -17.66 -3.65 -2.83
N VAL B 67 -17.67 -2.33 -2.98
CA VAL B 67 -16.79 -1.46 -2.17
C VAL B 67 -17.54 -0.28 -1.58
N ASN B 68 -16.96 0.28 -0.53
CA ASN B 68 -17.32 1.56 0.01
C ASN B 68 -16.06 2.37 0.39
N THR B 69 -16.29 3.62 0.79
CA THR B 69 -15.24 4.55 1.12
C THR B 69 -14.92 4.59 2.59
N HIS B 70 -15.59 3.77 3.42
CA HIS B 70 -15.37 3.83 4.88
C HIS B 70 -14.77 2.61 5.60
N GLY B 71 -14.89 1.40 5.03
CA GLY B 71 -14.56 0.15 5.75
C GLY B 71 -15.31 0.05 7.09
N VAL B 72 -14.63 -0.31 8.17
CA VAL B 72 -15.32 -0.43 9.47
C VAL B 72 -15.75 0.90 10.06
N SER B 73 -15.21 1.99 9.52
CA SER B 73 -15.53 3.30 10.05
C SER B 73 -16.99 3.73 9.80
N THR B 74 -17.57 4.40 10.79
CA THR B 74 -18.92 4.91 10.66
C THR B 74 -18.93 6.28 9.99
N ALA B 75 -17.78 6.93 9.86
CA ALA B 75 -17.74 8.25 9.26
C ALA B 75 -17.78 8.09 7.74
N ARG B 76 -18.50 8.99 7.07
CA ARG B 76 -18.71 8.95 5.60
C ARG B 76 -18.12 10.17 4.90
N LYS B 77 -16.80 10.34 4.93
CA LYS B 77 -16.17 11.50 4.31
C LYS B 77 -15.45 11.05 3.06
N VAL B 78 -15.26 11.98 2.15
CA VAL B 78 -14.39 11.77 1.02
C VAL B 78 -13.51 13.04 0.99
N PRO B 79 -12.27 12.92 0.46
CA PRO B 79 -11.32 14.07 0.47
C PRO B 79 -11.76 15.24 -0.40
N GLU B 80 -11.37 16.43 0.00
CA GLU B 80 -11.73 17.63 -0.74
C GLU B 80 -10.92 17.63 -2.01
N ILE B 81 -11.44 18.32 -3.03
CA ILE B 81 -10.70 18.54 -4.26
C ILE B 81 -10.03 19.90 -4.18
N LYS B 82 -8.71 19.89 -4.40
CA LYS B 82 -7.88 21.05 -4.22
C LYS B 82 -7.03 21.36 -5.43
N ASN B 83 -6.72 22.64 -5.57
CA ASN B 83 -5.62 23.09 -6.39
C ASN B 83 -4.72 23.81 -5.42
N GLY B 84 -3.60 23.20 -5.07
CA GLY B 84 -2.73 23.81 -4.06
C GLY B 84 -3.43 23.72 -2.72
N SER B 85 -3.55 24.86 -2.05
CA SER B 85 -4.24 24.94 -0.77
C SER B 85 -5.72 25.23 -0.99
N VAL B 86 -6.09 25.61 -2.22
CA VAL B 86 -7.42 26.11 -2.50
C VAL B 86 -8.41 24.97 -2.65
N VAL B 87 -9.43 24.93 -1.78
CA VAL B 87 -10.50 23.93 -1.89
C VAL B 87 -11.47 24.33 -3.03
N MET B 88 -11.52 23.47 -4.04
CA MET B 88 -12.31 23.71 -5.25
C MET B 88 -13.68 23.03 -5.16
N ALA B 89 -13.75 21.92 -4.44
CA ALA B 89 -15.01 21.22 -4.26
C ALA B 89 -14.95 20.29 -3.04
N THR B 90 -16.11 20.07 -2.44
CA THR B 90 -16.25 19.15 -1.33
C THR B 90 -17.21 18.04 -1.73
N GLY B 91 -16.97 16.84 -1.19
CA GLY B 91 -17.74 15.68 -1.55
C GLY B 91 -18.61 15.10 -0.44
N GLU B 92 -19.62 14.34 -0.85
CA GLU B 92 -20.41 13.58 0.08
C GLU B 92 -20.75 12.22 -0.50
N VAL B 93 -21.02 11.31 0.42
CA VAL B 93 -21.39 9.98 0.07
C VAL B 93 -22.88 9.97 0.11
N LEU B 94 -23.49 9.66 -1.03
CA LEU B 94 -24.92 9.50 -1.13
C LEU B 94 -25.29 8.02 -1.32
N GLU B 95 -26.56 7.80 -1.66
CA GLU B 95 -27.15 6.49 -1.75
C GLU B 95 -26.64 5.69 -2.95
N GLY B 96 -26.46 4.37 -2.78
CA GLY B 96 -26.22 3.47 -3.92
C GLY B 96 -24.84 3.56 -4.58
N GLY B 97 -23.83 3.88 -3.76
CA GLY B 97 -22.43 4.04 -4.24
C GLY B 97 -22.12 5.37 -4.95
N LYS B 98 -23.03 6.33 -4.88
CA LYS B 98 -22.84 7.62 -5.55
C LYS B 98 -22.07 8.56 -4.65
N ILE B 99 -21.08 9.20 -5.23
CA ILE B 99 -20.29 10.21 -4.55
C ILE B 99 -20.53 11.47 -5.35
N ARG B 100 -20.81 12.54 -4.67
CA ARG B 100 -21.13 13.82 -5.28
C ARG B 100 -20.22 14.92 -4.78
N TYR B 101 -19.55 15.59 -5.72
CA TYR B 101 -18.69 16.73 -5.40
C TYR B 101 -19.38 18.01 -5.86
N THR B 102 -19.46 18.99 -4.96
CA THR B 102 -20.11 20.27 -5.19
C THR B 102 -19.04 21.37 -5.15
N PHE B 103 -18.96 22.17 -6.23
CA PHE B 103 -17.94 23.21 -6.30
C PHE B 103 -18.13 24.34 -5.30
N THR B 104 -17.01 24.89 -4.87
CA THR B 104 -17.00 26.10 -4.07
C THR B 104 -16.93 27.30 -4.98
N ASN B 105 -16.99 28.47 -4.34
CA ASN B 105 -16.76 29.76 -4.98
C ASN B 105 -15.44 29.84 -5.75
N ASP B 106 -14.44 29.07 -5.34
CA ASP B 106 -13.15 29.13 -5.99
C ASP B 106 -13.10 28.57 -7.42
N ILE B 107 -14.14 27.84 -7.84
CA ILE B 107 -14.23 27.39 -9.24
C ILE B 107 -14.55 28.54 -10.24
N GLU B 108 -15.16 29.61 -9.77
CA GLU B 108 -15.60 30.70 -10.62
C GLU B 108 -14.47 31.32 -11.46
N ASP B 109 -14.68 31.31 -12.77
CA ASP B 109 -13.85 32.04 -13.74
C ASP B 109 -12.47 31.41 -13.91
N LYS B 110 -12.23 30.21 -13.36
CA LYS B 110 -10.97 29.52 -13.53
C LYS B 110 -10.88 28.93 -14.95
N VAL B 111 -9.65 28.71 -15.39
CA VAL B 111 -9.36 28.27 -16.72
C VAL B 111 -8.63 26.93 -16.66
N ASP B 112 -9.07 25.95 -17.44
CA ASP B 112 -8.33 24.67 -17.63
C ASP B 112 -8.03 23.98 -16.31
N VAL B 113 -9.04 23.91 -15.46
CA VAL B 113 -8.88 23.29 -14.16
C VAL B 113 -8.67 21.78 -14.34
N THR B 114 -7.69 21.25 -13.62
CA THR B 114 -7.57 19.80 -13.43
C THR B 114 -7.56 19.55 -11.95
N ALA B 115 -7.87 18.34 -11.54
CA ALA B 115 -7.63 17.96 -10.15
C ALA B 115 -7.32 16.50 -10.01
N GLU B 116 -6.65 16.18 -8.92
CA GLU B 116 -6.35 14.83 -8.57
C GLU B 116 -7.14 14.40 -7.35
N LEU B 117 -7.60 13.16 -7.38
CA LEU B 117 -8.44 12.62 -6.34
C LEU B 117 -8.02 11.17 -6.14
N GLU B 118 -7.69 10.82 -4.91
CA GLU B 118 -7.34 9.46 -4.53
C GLU B 118 -8.23 9.09 -3.34
N ILE B 119 -8.97 8.00 -3.50
CA ILE B 119 -9.90 7.55 -2.48
C ILE B 119 -9.65 6.07 -2.17
N ASN B 120 -9.42 5.79 -0.89
CA ASN B 120 -9.34 4.41 -0.40
C ASN B 120 -10.67 3.73 -0.58
N LEU B 121 -10.66 2.48 -1.07
CA LEU B 121 -11.86 1.67 -1.24
C LEU B 121 -11.79 0.36 -0.43
N PHE B 122 -12.82 0.09 0.35
CA PHE B 122 -12.84 -1.04 1.27
C PHE B 122 -13.84 -2.08 0.80
N ILE B 123 -13.42 -3.34 0.79
CA ILE B 123 -14.31 -4.41 0.36
C ILE B 123 -15.43 -4.56 1.38
N ASP B 124 -16.66 -4.52 0.90
CA ASP B 124 -17.81 -4.52 1.78
C ASP B 124 -18.16 -5.97 2.11
N PRO B 125 -18.14 -6.33 3.42
CA PRO B 125 -18.36 -7.72 3.72
C PRO B 125 -19.81 -8.18 3.58
N LYS B 126 -20.78 -7.26 3.45
CA LYS B 126 -22.17 -7.65 3.16
C LYS B 126 -22.39 -8.12 1.73
N THR B 127 -21.73 -7.46 0.79
CA THR B 127 -21.93 -7.73 -0.61
C THR B 127 -20.89 -8.73 -1.15
N VAL B 128 -19.71 -8.77 -0.53
CA VAL B 128 -18.63 -9.72 -0.87
C VAL B 128 -18.42 -10.70 0.30
N GLN B 129 -19.27 -11.72 0.35
CA GLN B 129 -19.32 -12.63 1.49
C GLN B 129 -18.36 -13.80 1.44
N THR B 130 -17.73 -14.04 0.27
CA THR B 130 -16.88 -15.22 0.08
C THR B 130 -15.59 -14.81 -0.66
N ASN B 131 -14.58 -15.67 -0.65
CA ASN B 131 -13.40 -15.46 -1.45
C ASN B 131 -13.74 -15.47 -2.93
N GLY B 132 -13.09 -14.66 -3.73
CA GLY B 132 -13.36 -14.67 -5.15
C GLY B 132 -12.83 -13.45 -5.88
N ASN B 133 -12.77 -13.55 -7.20
CA ASN B 133 -12.47 -12.40 -8.02
C ASN B 133 -13.67 -11.42 -8.04
N GLN B 134 -13.39 -10.15 -7.85
CA GLN B 134 -14.43 -9.11 -7.88
C GLN B 134 -14.04 -8.07 -8.91
N THR B 135 -14.95 -7.61 -9.74
CA THR B 135 -14.68 -6.43 -10.55
C THR B 135 -15.14 -5.14 -9.84
N ILE B 136 -14.16 -4.30 -9.51
CA ILE B 136 -14.41 -3.01 -8.90
C ILE B 136 -14.46 -1.94 -10.00
N THR B 137 -15.48 -1.09 -9.97
CA THR B 137 -15.71 -0.07 -11.00
C THR B 137 -16.10 1.26 -10.39
N SER B 138 -15.73 2.31 -11.09
CA SER B 138 -16.17 3.66 -10.80
C SER B 138 -16.54 4.25 -12.14
N THR B 139 -17.79 4.74 -12.21
CA THR B 139 -18.36 5.26 -13.42
C THR B 139 -18.65 6.74 -13.27
N LEU B 140 -18.12 7.55 -14.19
CA LEU B 140 -18.24 9.00 -14.16
C LEU B 140 -18.62 9.45 -15.57
N ASN B 141 -19.82 10.01 -15.72
CA ASN B 141 -20.24 10.55 -17.02
C ASN B 141 -20.02 9.52 -18.14
N GLU B 142 -20.53 8.30 -17.96
CA GLU B 142 -20.36 7.18 -18.92
C GLU B 142 -18.96 6.53 -18.99
N GLU B 143 -17.96 7.16 -18.42
CA GLU B 143 -16.61 6.59 -18.39
C GLU B 143 -16.48 5.59 -17.25
N GLN B 144 -16.21 4.33 -17.58
CA GLN B 144 -16.09 3.30 -16.56
C GLN B 144 -14.61 2.91 -16.28
N THR B 145 -14.18 3.15 -15.06
CA THR B 145 -12.89 2.74 -14.62
C THR B 145 -13.02 1.39 -13.83
N SER B 146 -12.29 0.37 -14.26
CA SER B 146 -12.53 -0.99 -13.78
C SER B 146 -11.23 -1.73 -13.39
N LYS B 147 -11.32 -2.59 -12.38
CA LYS B 147 -10.23 -3.47 -11.97
C LYS B 147 -10.74 -4.79 -11.41
N GLU B 148 -10.25 -5.90 -11.95
CA GLU B 148 -10.58 -7.21 -11.36
C GLU B 148 -9.62 -7.50 -10.20
N LEU B 149 -10.16 -7.75 -9.01
CA LEU B 149 -9.32 -8.01 -7.83
C LEU B 149 -9.67 -9.32 -7.19
N ASP B 150 -8.66 -10.07 -6.79
CA ASP B 150 -8.91 -11.23 -5.98
C ASP B 150 -9.12 -10.80 -4.52
N VAL B 151 -10.18 -11.31 -3.93
CA VAL B 151 -10.51 -11.03 -2.54
C VAL B 151 -10.41 -12.31 -1.74
N LYS B 152 -9.62 -12.28 -0.66
CA LYS B 152 -9.41 -13.42 0.18
C LYS B 152 -9.52 -13.02 1.64
N TYR B 153 -10.23 -13.85 2.35
CA TYR B 153 -10.53 -13.70 3.74
C TYR B 153 -9.75 -14.71 4.56
N LYS B 154 -9.73 -14.48 5.88
CA LYS B 154 -9.17 -15.44 6.86
C LYS B 154 -10.25 -16.45 7.27
N ASP B 155 -9.93 -17.36 8.17
CA ASP B 155 -10.80 -18.52 8.43
C ASP B 155 -11.13 -18.69 9.91
N GLY B 156 -10.80 -17.71 10.75
CA GLY B 156 -10.97 -17.86 12.20
C GLY B 156 -9.89 -18.83 12.68
N ILE B 157 -10.06 -19.36 13.87
CA ILE B 157 -9.09 -20.32 14.48
C ILE B 157 -9.90 -21.54 14.92
N GLY B 158 -9.42 -22.73 14.55
CA GLY B 158 -10.16 -23.97 14.80
C GLY B 158 -9.34 -25.11 15.38
N ASN B 159 -10.04 -26.08 15.98
CA ASN B 159 -9.48 -27.39 16.31
C ASN B 159 -10.47 -28.48 15.86
N TYR B 160 -10.26 -29.71 16.28
CA TYR B 160 -11.21 -30.79 16.04
C TYR B 160 -12.68 -30.46 16.39
N TYR B 161 -12.88 -29.74 17.49
CA TYR B 161 -14.18 -29.59 18.10
C TYR B 161 -14.92 -28.32 17.67
N ALA B 162 -14.18 -27.29 17.33
CA ALA B 162 -14.82 -25.96 17.13
C ALA B 162 -13.98 -24.98 16.35
N ASN B 163 -14.64 -23.91 15.88
CA ASN B 163 -14.04 -22.82 15.15
C ASN B 163 -14.53 -21.52 15.79
N LEU B 164 -13.58 -20.67 16.15
CA LEU B 164 -13.88 -19.33 16.62
C LEU B 164 -13.50 -18.30 15.59
N ASN B 165 -14.39 -17.36 15.29
CA ASN B 165 -14.08 -16.34 14.33
C ASN B 165 -14.80 -15.08 14.78
N GLY B 166 -14.40 -13.95 14.24
CA GLY B 166 -14.99 -12.65 14.66
C GLY B 166 -14.48 -11.51 13.83
N SER B 167 -15.26 -10.43 13.78
CA SER B 167 -14.87 -9.27 13.04
C SER B 167 -15.43 -8.02 13.73
N ILE B 168 -14.69 -6.94 13.72
CA ILE B 168 -15.25 -5.61 14.04
C ILE B 168 -16.23 -5.23 12.94
N GLU B 169 -17.42 -4.85 13.36
CA GLU B 169 -18.47 -4.47 12.45
C GLU B 169 -18.44 -2.96 12.21
N THR B 170 -18.40 -2.16 13.29
CA THR B 170 -18.32 -0.71 13.10
C THR B 170 -17.36 -0.16 14.12
N PHE B 171 -16.77 0.98 13.78
CA PHE B 171 -15.83 1.71 14.62
C PHE B 171 -16.13 3.18 14.52
N ASN B 172 -16.58 3.76 15.64
CA ASN B 172 -17.06 5.15 15.68
C ASN B 172 -16.17 6.02 16.54
N LYS B 173 -15.25 6.69 15.86
CA LYS B 173 -14.30 7.56 16.46
C LYS B 173 -14.96 8.78 17.13
N ALA B 174 -16.02 9.31 16.52
CA ALA B 174 -16.72 10.47 17.07
C ALA B 174 -17.36 10.16 18.43
N ASN B 175 -18.22 9.12 18.46
CA ASN B 175 -18.99 8.74 19.66
C ASN B 175 -18.21 7.78 20.60
N ASN B 176 -16.95 7.46 20.23
CA ASN B 176 -16.04 6.56 20.97
C ASN B 176 -16.57 5.15 21.23
N ARG B 177 -17.25 4.60 20.23
CA ARG B 177 -17.88 3.28 20.28
C ARG B 177 -17.40 2.36 19.11
N PHE B 178 -17.63 1.05 19.27
CA PHE B 178 -17.41 0.08 18.21
C PHE B 178 -18.36 -1.09 18.44
N SER B 179 -18.66 -1.82 17.36
CA SER B 179 -19.36 -3.05 17.45
C SER B 179 -18.56 -4.20 16.83
N HIS B 180 -18.88 -5.40 17.26
CA HIS B 180 -18.10 -6.58 16.93
C HIS B 180 -19.00 -7.80 16.94
N VAL B 181 -18.72 -8.77 16.06
CA VAL B 181 -19.48 -9.99 16.03
C VAL B 181 -18.52 -11.19 16.12
N ALA B 182 -18.88 -12.17 16.95
CA ALA B 182 -18.07 -13.41 17.07
C ALA B 182 -18.94 -14.58 16.72
N PHE B 183 -18.37 -15.60 16.05
CA PHE B 183 -19.09 -16.81 15.69
C PHE B 183 -18.41 -17.97 16.41
N ILE B 184 -19.17 -18.74 17.20
CA ILE B 184 -18.67 -19.93 17.91
C ILE B 184 -19.32 -21.16 17.29
N LYS B 185 -18.57 -21.91 16.47
CA LYS B 185 -19.10 -22.89 15.58
C LYS B 185 -18.59 -24.27 15.96
N PRO B 186 -19.50 -25.21 16.25
CA PRO B 186 -18.98 -26.54 16.53
C PRO B 186 -18.49 -27.29 15.26
N ASN B 187 -17.46 -28.12 15.41
CA ASN B 187 -16.95 -28.92 14.31
C ASN B 187 -17.39 -30.38 14.55
N ASN B 188 -16.46 -31.28 14.89
CA ASN B 188 -16.79 -32.68 15.23
C ASN B 188 -16.97 -32.88 16.72
N GLY B 189 -17.54 -34.05 17.05
CA GLY B 189 -17.65 -34.47 18.45
C GLY B 189 -18.72 -33.68 19.16
N LYS B 190 -18.72 -33.79 20.47
CA LYS B 190 -19.75 -33.19 21.27
C LYS B 190 -19.09 -32.29 22.27
N THR B 191 -19.24 -30.99 22.05
CA THR B 191 -18.80 -29.98 22.98
C THR B 191 -20.06 -29.60 23.75
N THR B 192 -19.88 -29.53 25.02
CA THR B 192 -21.01 -29.35 25.84
C THR B 192 -21.11 -27.94 26.41
N SER B 193 -20.34 -27.57 27.45
CA SER B 193 -20.46 -26.25 28.07
C SER B 193 -19.29 -25.28 27.92
N VAL B 194 -19.57 -24.27 27.15
CA VAL B 194 -18.60 -23.38 26.69
C VAL B 194 -18.60 -22.08 27.50
N THR B 195 -17.41 -21.61 27.79
CA THR B 195 -17.20 -20.20 28.25
C THR B 195 -16.60 -19.30 27.19
N VAL B 196 -17.32 -18.24 26.84
CA VAL B 196 -16.84 -17.26 25.89
C VAL B 196 -16.66 -15.93 26.59
N THR B 197 -15.50 -15.31 26.35
CA THR B 197 -15.21 -14.00 26.89
C THR B 197 -14.77 -13.03 25.82
N GLY B 198 -14.97 -11.75 26.10
CA GLY B 198 -14.54 -10.72 25.23
C GLY B 198 -13.90 -9.66 26.09
N THR B 199 -12.74 -9.19 25.66
CA THR B 199 -11.94 -8.24 26.40
C THR B 199 -11.31 -7.25 25.47
N LEU B 200 -11.47 -5.97 25.82
CA LEU B 200 -10.59 -4.97 25.25
C LEU B 200 -9.18 -5.12 25.80
N MET B 201 -8.28 -5.58 24.92
CA MET B 201 -6.86 -5.68 25.21
C MET B 201 -6.19 -4.32 25.14
N LYS B 202 -6.77 -3.41 24.34
CA LYS B 202 -6.41 -1.98 24.35
C LYS B 202 -7.68 -1.15 24.17
N GLY B 203 -7.80 -0.08 24.94
CA GLY B 203 -8.95 0.82 24.84
C GLY B 203 -10.07 0.58 25.87
N SER B 204 -9.84 -0.27 26.87
CA SER B 204 -10.79 -0.44 27.99
C SER B 204 -11.03 0.89 28.70
N ASN B 205 -12.31 1.24 28.91
CA ASN B 205 -12.66 2.39 29.78
C ASN B 205 -13.17 1.91 31.15
N GLN B 206 -12.29 1.91 32.14
CA GLN B 206 -12.63 1.38 33.45
C GLN B 206 -13.73 2.16 34.15
N ASN B 207 -13.96 3.41 33.74
CA ASN B 207 -15.12 4.19 34.23
C ASN B 207 -16.37 4.14 33.34
N GLY B 208 -16.40 3.18 32.41
CA GLY B 208 -17.37 3.19 31.34
C GLY B 208 -18.68 2.50 31.70
N ASN B 209 -19.55 2.39 30.71
CA ASN B 209 -20.79 1.65 30.86
C ASN B 209 -20.56 0.21 30.41
N GLN B 210 -21.42 -0.67 30.89
CA GLN B 210 -21.40 -2.07 30.46
C GLN B 210 -21.70 -2.14 28.97
N PRO B 211 -21.15 -3.16 28.28
CA PRO B 211 -21.43 -3.21 26.86
C PRO B 211 -22.81 -3.78 26.64
N LYS B 212 -23.31 -3.66 25.43
CA LYS B 212 -24.55 -4.31 25.04
C LYS B 212 -24.17 -5.54 24.28
N VAL B 213 -24.48 -6.67 24.89
CA VAL B 213 -24.12 -7.98 24.37
C VAL B 213 -25.36 -8.78 24.14
N ARG B 214 -25.55 -9.19 22.88
CA ARG B 214 -26.68 -9.94 22.48
C ARG B 214 -26.21 -11.29 21.95
N ILE B 215 -26.94 -12.33 22.30
CA ILE B 215 -26.56 -13.69 21.92
C ILE B 215 -27.65 -14.26 21.02
N PHE B 216 -27.21 -14.88 19.92
CA PHE B 216 -28.12 -15.44 18.95
C PHE B 216 -27.72 -16.87 18.67
N GLU B 217 -28.71 -17.75 18.46
CA GLU B 217 -28.45 -19.02 17.81
C GLU B 217 -28.52 -18.79 16.31
N TYR B 218 -27.55 -19.33 15.57
CA TYR B 218 -27.58 -19.29 14.13
C TYR B 218 -28.43 -20.45 13.63
N LEU B 219 -29.44 -20.17 12.82
CA LEU B 219 -30.38 -21.21 12.39
C LEU B 219 -30.10 -21.80 11.00
N GLY B 220 -29.18 -21.23 10.23
CA GLY B 220 -28.87 -21.69 8.85
C GLY B 220 -27.88 -22.86 8.81
N ASN B 221 -27.48 -23.29 7.61
CA ASN B 221 -26.39 -24.27 7.52
C ASN B 221 -25.11 -23.49 7.59
N ASN B 222 -24.08 -24.10 8.15
CA ASN B 222 -22.80 -23.44 8.35
C ASN B 222 -22.11 -23.14 7.03
N GLU B 223 -22.29 -23.99 6.02
CA GLU B 223 -21.79 -23.69 4.66
C GLU B 223 -22.26 -22.31 4.18
N ASP B 224 -23.42 -21.86 4.65
CA ASP B 224 -23.95 -20.53 4.31
C ASP B 224 -23.44 -19.39 5.20
N ILE B 225 -22.57 -19.68 6.15
CA ILE B 225 -22.02 -18.61 6.98
C ILE B 225 -21.04 -17.82 6.12
N ALA B 226 -21.18 -16.49 6.12
CA ALA B 226 -20.34 -15.63 5.29
C ALA B 226 -18.89 -15.78 5.69
N LYS B 227 -18.04 -16.08 4.71
CA LYS B 227 -16.62 -16.10 4.96
C LYS B 227 -16.10 -14.70 5.33
N SER B 228 -16.79 -13.67 4.87
CA SER B 228 -16.45 -12.30 5.22
C SER B 228 -16.61 -11.94 6.71
N VAL B 229 -17.40 -12.76 7.41
CA VAL B 229 -17.78 -12.56 8.82
C VAL B 229 -18.73 -11.38 8.79
N TYR B 230 -19.99 -11.72 8.64
CA TYR B 230 -21.05 -10.76 8.45
C TYR B 230 -22.26 -11.45 9.02
N ALA B 231 -23.01 -10.73 9.85
CA ALA B 231 -24.21 -11.29 10.51
C ALA B 231 -25.36 -10.31 10.38
N ASN B 232 -26.32 -10.60 9.52
CA ASN B 232 -27.52 -9.74 9.48
C ASN B 232 -28.44 -10.27 10.57
N THR B 233 -28.22 -9.80 11.78
CA THR B 233 -28.94 -10.32 12.96
C THR B 233 -30.40 -9.85 13.04
N THR B 234 -30.80 -8.92 12.19
CA THR B 234 -32.21 -8.51 12.11
C THR B 234 -33.06 -9.57 11.38
N ASP B 235 -32.43 -10.45 10.61
CA ASP B 235 -33.11 -11.58 9.93
C ASP B 235 -33.35 -12.70 10.94
N THR B 236 -34.55 -12.69 11.54
CA THR B 236 -34.86 -13.64 12.60
C THR B 236 -35.04 -15.05 12.07
N SER B 237 -35.09 -15.23 10.74
CA SER B 237 -35.02 -16.55 10.10
C SER B 237 -33.63 -17.15 10.23
N LYS B 238 -32.60 -16.32 10.28
CA LYS B 238 -31.23 -16.81 10.40
C LYS B 238 -30.67 -16.73 11.83
N PHE B 239 -31.18 -15.80 12.62
CA PHE B 239 -30.58 -15.56 13.94
C PHE B 239 -31.69 -15.51 14.97
N LYS B 240 -31.71 -16.49 15.85
CA LYS B 240 -32.68 -16.51 16.92
C LYS B 240 -32.06 -15.83 18.15
N GLU B 241 -32.54 -14.64 18.51
CA GLU B 241 -32.01 -13.98 19.69
C GLU B 241 -32.40 -14.75 20.93
N VAL B 242 -31.41 -15.05 21.77
CA VAL B 242 -31.63 -15.79 23.03
C VAL B 242 -30.99 -15.13 24.21
N THR B 243 -30.67 -13.86 24.07
CA THR B 243 -30.07 -13.06 25.09
C THR B 243 -30.79 -13.19 26.43
N SER B 244 -32.13 -13.10 26.41
CA SER B 244 -32.96 -13.17 27.65
C SER B 244 -32.94 -14.56 28.29
N ASN B 245 -32.61 -15.58 27.50
CA ASN B 245 -32.50 -16.93 28.04
C ASN B 245 -31.19 -17.14 28.80
N MET B 246 -30.15 -16.34 28.51
CA MET B 246 -28.82 -16.52 29.15
C MET B 246 -28.73 -15.90 30.55
N ASN B 249 -26.14 -16.45 33.27
CA ASN B 249 -25.11 -17.00 32.40
C ASN B 249 -24.29 -15.95 31.68
N LEU B 250 -24.59 -14.68 31.88
CA LEU B 250 -23.90 -13.61 31.15
C LEU B 250 -23.57 -12.50 32.14
N ASN B 251 -22.28 -12.22 32.27
CA ASN B 251 -21.78 -11.15 33.12
C ASN B 251 -21.10 -10.08 32.28
N LEU B 252 -21.59 -8.85 32.43
CA LEU B 252 -21.08 -7.70 31.72
C LEU B 252 -20.35 -6.85 32.71
N GLN B 253 -19.15 -6.40 32.36
CA GLN B 253 -18.41 -5.53 33.24
C GLN B 253 -18.34 -4.10 32.71
N ASN B 254 -18.22 -3.16 33.64
CA ASN B 254 -18.08 -1.74 33.25
C ASN B 254 -16.75 -1.37 32.60
N ASN B 255 -15.76 -2.25 32.63
CA ASN B 255 -14.54 -2.06 31.83
C ASN B 255 -14.64 -2.57 30.35
N GLY B 256 -15.83 -3.01 29.94
CA GLY B 256 -16.09 -3.47 28.58
C GLY B 256 -15.95 -4.98 28.38
N SER B 257 -15.48 -5.71 29.39
CA SER B 257 -15.40 -7.19 29.33
C SER B 257 -16.75 -7.86 29.47
N TYR B 258 -16.87 -9.09 28.95
CA TYR B 258 -18.02 -9.91 29.25
C TYR B 258 -17.56 -11.35 29.41
N SER B 259 -18.30 -12.16 30.15
CA SER B 259 -18.14 -13.59 30.08
C SER B 259 -19.51 -14.17 29.92
N LEU B 260 -19.56 -15.27 29.18
CA LEU B 260 -20.82 -15.90 28.82
C LEU B 260 -20.63 -17.39 28.99
N ASN B 261 -21.60 -18.05 29.58
CA ASN B 261 -21.59 -19.50 29.61
C ASN B 261 -22.66 -20.08 28.71
N ILE B 262 -22.25 -21.01 27.85
CA ILE B 262 -23.17 -21.72 26.95
C ILE B 262 -23.25 -23.17 27.43
N GLU B 263 -24.48 -23.60 27.69
CA GLU B 263 -24.74 -24.91 28.27
C GLU B 263 -24.35 -26.00 27.27
N ASN B 264 -24.90 -25.92 26.07
CA ASN B 264 -24.64 -26.92 25.03
C ASN B 264 -24.27 -26.29 23.71
N LEU B 265 -23.12 -26.67 23.14
CA LEU B 265 -22.74 -26.18 21.82
C LEU B 265 -23.23 -27.17 20.76
N ASP B 266 -24.55 -27.28 20.67
CA ASP B 266 -25.24 -28.13 19.68
C ASP B 266 -25.52 -27.44 18.35
N LYS B 267 -25.16 -26.16 18.25
CA LYS B 267 -25.22 -25.44 17.01
C LYS B 267 -24.31 -24.24 17.09
N THR B 268 -24.26 -23.46 16.04
CA THR B 268 -23.42 -22.26 16.01
C THR B 268 -24.11 -21.13 16.81
N TYR B 269 -23.33 -20.48 17.66
CA TYR B 269 -23.74 -19.25 18.35
C TYR B 269 -23.01 -18.01 17.83
N VAL B 270 -23.70 -16.89 17.96
CA VAL B 270 -23.17 -15.61 17.55
C VAL B 270 -23.32 -14.62 18.69
N VAL B 271 -22.24 -13.95 19.02
CA VAL B 271 -22.22 -12.92 20.04
C VAL B 271 -22.02 -11.58 19.38
N HIS B 272 -23.05 -10.74 19.50
CA HIS B 272 -22.93 -9.35 19.07
C HIS B 272 -22.62 -8.44 20.25
N TYR B 273 -21.59 -7.62 20.08
CA TYR B 273 -21.05 -6.73 21.11
C TYR B 273 -21.07 -5.29 20.62
N ASP B 274 -21.62 -4.41 21.45
CA ASP B 274 -21.73 -2.99 21.14
C ASP B 274 -21.30 -2.32 22.40
N GLY B 275 -20.11 -1.75 22.39
CA GLY B 275 -19.55 -1.11 23.54
C GLY B 275 -18.71 0.12 23.22
N GLU B 276 -18.30 0.78 24.29
CA GLU B 276 -17.54 2.00 24.17
C GLU B 276 -16.09 1.62 24.37
N TYR B 277 -15.19 2.52 23.98
CA TYR B 277 -13.77 2.49 24.28
C TYR B 277 -13.30 3.88 24.75
N LEU B 278 -12.13 3.92 25.40
CA LEU B 278 -11.62 5.10 26.12
C LEU B 278 -11.11 6.19 25.18
N ASN B 279 -11.59 7.40 25.38
CA ASN B 279 -11.07 8.54 24.60
C ASN B 279 -9.56 8.63 24.84
N GLY B 280 -8.80 8.89 23.78
CA GLY B 280 -7.35 9.02 23.94
C GLY B 280 -6.58 7.83 23.39
N THR B 281 -7.02 6.62 23.73
CA THR B 281 -6.33 5.43 23.26
C THR B 281 -6.17 5.51 21.75
N ASP B 282 -5.00 5.14 21.24
CA ASP B 282 -4.73 5.22 19.80
C ASP B 282 -4.38 3.85 19.23
N VAL B 284 -7.18 0.19 19.50
CA VAL B 284 -8.28 -0.67 19.91
C VAL B 284 -8.09 -2.10 19.42
N ASP B 285 -7.93 -3.02 20.37
CA ASP B 285 -7.70 -4.44 20.12
C ASP B 285 -8.64 -5.23 21.00
N PHE B 286 -9.46 -6.06 20.36
CA PHE B 286 -10.47 -6.83 21.03
C PHE B 286 -10.10 -8.32 20.95
N ARG B 287 -10.33 -9.04 22.04
CA ARG B 287 -10.05 -10.46 22.13
C ARG B 287 -11.27 -11.23 22.49
N THR B 288 -11.57 -12.24 21.67
CA THR B 288 -12.56 -13.19 22.00
C THR B 288 -11.88 -14.52 22.33
N GLN B 289 -12.30 -15.10 23.45
CA GLN B 289 -11.69 -16.35 23.87
C GLN B 289 -12.77 -17.32 24.27
N MET B 290 -12.55 -18.58 23.89
CA MET B 290 -13.51 -19.61 24.08
C MET B 290 -12.83 -20.82 24.77
N VAL B 291 -13.46 -21.33 25.82
CA VAL B 291 -13.05 -22.57 26.46
C VAL B 291 -14.18 -23.56 26.27
N GLY B 292 -13.86 -24.72 25.70
CA GLY B 292 -14.86 -25.74 25.39
C GLY B 292 -14.62 -27.03 26.14
N HIS B 293 -15.66 -27.73 26.50
CA HIS B 293 -15.45 -29.00 27.11
C HIS B 293 -16.25 -30.08 26.41
N PRO B 294 -15.52 -31.00 25.84
CA PRO B 294 -16.07 -32.18 25.15
N TYR B 306 -10.62 -27.32 25.85
CA TYR B 306 -9.67 -26.72 24.92
C TYR B 306 -9.93 -25.23 24.92
N THR B 307 -8.99 -24.47 24.39
CA THR B 307 -9.10 -23.02 24.28
C THR B 307 -8.84 -22.56 22.85
N LEU B 308 -9.61 -21.54 22.44
CA LEU B 308 -9.41 -20.90 21.16
C LEU B 308 -9.47 -19.43 21.42
N THR B 309 -8.55 -18.70 20.80
CA THR B 309 -8.40 -17.24 21.03
C THR B 309 -8.28 -16.57 19.69
N TRP B 310 -9.10 -15.55 19.51
CA TRP B 310 -9.17 -14.83 18.27
C TRP B 310 -9.14 -13.35 18.55
N ASP B 311 -8.17 -12.66 18.01
CA ASP B 311 -7.99 -11.23 18.19
C ASP B 311 -8.40 -10.46 16.96
N ASN B 312 -9.04 -9.30 17.17
CA ASN B 312 -9.37 -8.40 16.08
C ASN B 312 -8.78 -7.04 16.33
N GLY B 313 -7.94 -6.58 15.42
CA GLY B 313 -7.39 -5.26 15.46
C GLY B 313 -7.95 -4.38 14.35
N LEU B 314 -7.41 -3.18 14.25
CA LEU B 314 -7.94 -2.16 13.37
C LEU B 314 -6.79 -1.43 12.71
N VAL B 315 -6.98 -0.98 11.49
CA VAL B 315 -6.08 0.02 10.99
C VAL B 315 -6.89 1.06 10.22
N LEU B 316 -6.57 2.33 10.48
CA LEU B 316 -7.24 3.46 9.88
C LEU B 316 -6.36 4.14 8.83
N TYR B 317 -6.95 4.46 7.67
CA TYR B 317 -6.29 5.13 6.55
C TYR B 317 -6.86 6.53 6.40
N GLN C 4 5.69 8.29 -36.50
CA GLN C 4 6.81 8.61 -37.45
C GLN C 4 7.72 9.78 -37.04
N GLN C 5 7.16 10.96 -36.68
CA GLN C 5 8.01 12.08 -36.20
C GLN C 5 8.07 12.26 -34.66
N HIS C 6 7.09 11.72 -33.93
CA HIS C 6 7.03 11.85 -32.47
C HIS C 6 6.76 10.49 -31.78
N HIS C 7 7.66 10.08 -30.89
CA HIS C 7 7.54 8.82 -30.12
C HIS C 7 7.55 9.13 -28.61
N LEU C 8 6.75 8.38 -27.86
CA LEU C 8 6.46 8.62 -26.47
C LEU C 8 6.52 7.29 -25.74
N GLY C 9 7.16 7.28 -24.57
CA GLY C 9 7.18 6.09 -23.74
C GLY C 9 7.38 6.47 -22.29
N GLY C 10 7.45 5.48 -21.42
CA GLY C 10 7.82 5.79 -20.04
C GLY C 10 8.02 4.57 -19.17
N ALA C 11 8.38 4.83 -17.91
CA ALA C 11 8.71 3.78 -16.98
C ALA C 11 8.28 4.26 -15.61
N LYS C 12 8.22 3.33 -14.66
CA LYS C 12 8.01 3.59 -13.26
C LYS C 12 9.04 2.86 -12.41
N GLN C 13 9.63 3.55 -11.43
CA GLN C 13 10.60 2.94 -10.50
C GLN C 13 9.83 2.56 -9.20
N ALA C 14 10.21 1.44 -8.61
CA ALA C 14 9.62 0.98 -7.34
C ALA C 14 10.46 1.46 -6.16
N GLY C 15 9.78 1.74 -5.04
CA GLY C 15 10.47 1.93 -3.78
C GLY C 15 9.51 1.88 -2.61
N ASP C 16 10.06 2.00 -1.42
CA ASP C 16 9.28 1.84 -0.20
C ASP C 16 8.58 3.16 0.11
N VAL C 17 7.31 3.07 0.48
CA VAL C 17 6.49 4.18 1.02
C VAL C 17 5.47 4.82 0.10
N HIS D 6 -4.75 -25.43 23.16
CA HIS D 6 -4.91 -23.97 22.82
C HIS D 6 -4.36 -23.55 21.44
N HIS D 7 -5.19 -22.86 20.66
CA HIS D 7 -4.81 -22.31 19.36
C HIS D 7 -5.22 -20.83 19.34
N LEU D 8 -4.45 -20.00 18.64
CA LEU D 8 -4.63 -18.55 18.66
C LEU D 8 -4.42 -18.02 17.26
N GLY D 9 -5.23 -17.03 16.89
CA GLY D 9 -5.00 -16.31 15.66
C GLY D 9 -5.66 -14.97 15.75
N GLY D 10 -5.63 -14.21 14.67
CA GLY D 10 -6.38 -12.96 14.68
C GLY D 10 -6.43 -12.29 13.35
N ALA D 11 -7.10 -11.16 13.32
CA ALA D 11 -7.34 -10.49 12.08
C ALA D 11 -7.27 -9.03 12.32
N LYS D 12 -7.12 -8.27 11.24
CA LYS D 12 -7.17 -6.81 11.29
C LYS D 12 -8.08 -6.25 10.24
N GLN D 13 -8.85 -5.22 10.59
CA GLN D 13 -9.69 -4.57 9.58
C GLN D 13 -9.38 -3.13 9.34
N ALA D 14 -9.62 -2.69 8.09
CA ALA D 14 -9.29 -1.33 7.67
C ALA D 14 -10.52 -0.43 7.70
N GLY D 15 -10.28 0.87 7.89
CA GLY D 15 -11.32 1.85 7.86
C GLY D 15 -10.70 3.18 7.53
N ASP D 16 -11.56 4.15 7.25
CA ASP D 16 -11.13 5.51 6.98
C ASP D 16 -10.83 6.14 8.35
N VAL D 17 -9.73 6.92 8.45
CA VAL D 17 -9.30 7.55 9.71
C VAL D 17 -10.11 8.81 10.08
CA CA E . -18.37 34.23 -14.20
#